data_2RBS
#
_entry.id   2RBS
#
_cell.length_a   60.368
_cell.length_b   60.368
_cell.length_c   96.895
_cell.angle_alpha   90.000
_cell.angle_beta   90.000
_cell.angle_gamma   120.000
#
_symmetry.space_group_name_H-M   'P 32 2 1'
#
loop_
_entity.id
_entity.type
_entity.pdbx_description
1 polymer Lysozyme
2 non-polymer 'PHOSPHATE ION'
3 non-polymer (1R)-3-chloro-1-phenylpropan-1-ol
4 water water
#
_entity_poly.entity_id   1
_entity_poly.type   'polypeptide(L)'
_entity_poly.pdbx_seq_one_letter_code
;MNIFEMLRIDEGLRLKIYKDTEGYYTIGIGHLLTKSPSLNAAKSELDKAIGRNCNGVITKDEAEKLFNQDVDAAVRGILR
NAKLKPVYDSLDAVRRCAAINQVFQMGETGVAGFTNSLRMLQQKRWDEAAVNLAKSRWYNQTPNRAKRVITTFRTGTWDA
YK
;
_entity_poly.pdbx_strand_id   A
#
loop_
_chem_comp.id
_chem_comp.type
_chem_comp.name
_chem_comp.formula
269 non-polymer (1R)-3-chloro-1-phenylpropan-1-ol 'C9 H11 Cl O'
PO4 non-polymer 'PHOSPHATE ION' 'O4 P -3'
#
# COMPACT_ATOMS: atom_id res chain seq x y z
N MET A 1 -6.31 6.50 15.02
CA MET A 1 -5.85 5.97 13.72
CA MET A 1 -5.83 6.02 13.70
C MET A 1 -4.32 5.87 13.65
N ASN A 2 -3.85 4.87 12.90
CA ASN A 2 -2.44 4.61 12.68
C ASN A 2 -2.36 3.84 11.35
N ILE A 3 -1.13 3.58 10.89
CA ILE A 3 -0.94 2.96 9.58
C ILE A 3 -1.60 1.58 9.46
N PHE A 4 -1.61 0.80 10.55
CA PHE A 4 -2.25 -0.51 10.50
C PHE A 4 -3.76 -0.41 10.34
N GLU A 5 -4.39 0.48 11.11
CA GLU A 5 -5.84 0.65 11.02
C GLU A 5 -6.23 1.21 9.66
N MET A 6 -5.40 2.12 9.13
CA MET A 6 -5.62 2.74 7.84
C MET A 6 -5.59 1.71 6.70
N LEU A 7 -4.51 0.92 6.65
CA LEU A 7 -4.39 -0.10 5.61
C LEU A 7 -5.42 -1.24 5.78
N ARG A 8 -5.78 -1.54 7.02
CA ARG A 8 -6.85 -2.53 7.25
C ARG A 8 -8.18 -2.08 6.62
N ILE A 9 -8.49 -0.78 6.73
CA ILE A 9 -9.67 -0.23 6.07
C ILE A 9 -9.55 -0.33 4.55
N ASP A 10 -8.40 0.08 4.02
CA ASP A 10 -8.23 0.12 2.56
C ASP A 10 -8.10 -1.24 1.89
N GLU A 11 -7.57 -2.23 2.60
CA GLU A 11 -7.27 -3.54 2.02
C GLU A 11 -8.26 -4.63 2.38
N GLY A 12 -8.97 -4.47 3.49
CA GLY A 12 -9.86 -5.52 3.99
C GLY A 12 -9.11 -6.68 4.63
N LEU A 13 -9.85 -7.73 4.97
CA LEU A 13 -9.27 -8.95 5.51
C LEU A 13 -10.04 -10.16 4.98
N ARG A 14 -9.35 -11.00 4.22
CA ARG A 14 -9.93 -12.22 3.69
C ARG A 14 -8.98 -13.37 3.93
N LEU A 15 -9.53 -14.48 4.40
CA LEU A 15 -8.69 -15.60 4.83
C LEU A 15 -8.46 -16.68 3.76
N LYS A 16 -9.12 -16.55 2.61
CA LYS A 16 -8.92 -17.45 1.47
C LYS A 16 -8.34 -16.67 0.31
N ILE A 17 -7.56 -17.33 -0.54
CA ILE A 17 -7.00 -16.68 -1.71
C ILE A 17 -8.10 -15.98 -2.53
N TYR A 18 -7.87 -14.71 -2.85
CA TYR A 18 -8.77 -13.94 -3.69
C TYR A 18 -7.95 -13.16 -4.71
N LYS A 19 -8.61 -12.56 -5.70
CA LYS A 19 -7.91 -11.67 -6.62
C LYS A 19 -8.10 -10.22 -6.21
N ASP A 20 -7.00 -9.46 -6.21
CA ASP A 20 -7.06 -8.04 -5.86
C ASP A 20 -7.68 -7.21 -7.00
N THR A 21 -7.62 -5.89 -6.88
CA THR A 21 -8.26 -4.96 -7.84
CA THR A 21 -8.32 -5.05 -7.85
C THR A 21 -7.66 -5.09 -9.23
N GLU A 22 -6.41 -5.56 -9.29
CA GLU A 22 -5.68 -5.74 -10.56
C GLU A 22 -5.81 -7.16 -11.12
N GLY A 23 -6.55 -8.00 -10.40
CA GLY A 23 -6.75 -9.40 -10.80
C GLY A 23 -5.67 -10.36 -10.33
N TYR A 24 -4.84 -9.94 -9.38
CA TYR A 24 -3.71 -10.77 -8.90
C TYR A 24 -4.03 -11.49 -7.59
N TYR A 25 -3.62 -12.76 -7.52
CA TYR A 25 -3.85 -13.58 -6.32
C TYR A 25 -3.22 -12.97 -5.07
N THR A 26 -4.04 -12.90 -4.04
CA THR A 26 -3.77 -12.14 -2.81
C THR A 26 -4.43 -12.90 -1.67
N ILE A 27 -3.98 -12.63 -0.44
CA ILE A 27 -4.65 -13.17 0.73
C ILE A 27 -4.46 -12.22 1.92
N GLY A 28 -5.27 -12.41 2.96
CA GLY A 28 -5.07 -11.69 4.22
C GLY A 28 -5.46 -10.23 4.10
N ILE A 29 -4.56 -9.36 4.55
CA ILE A 29 -4.76 -7.90 4.48
C ILE A 29 -3.89 -7.37 3.33
N GLY A 30 -4.35 -7.62 2.12
CA GLY A 30 -3.64 -7.19 0.92
C GLY A 30 -2.25 -7.75 0.74
N HIS A 31 -2.04 -8.99 1.17
CA HIS A 31 -0.76 -9.65 0.88
C HIS A 31 -0.75 -10.21 -0.55
N LEU A 32 -0.09 -9.51 -1.45
CA LEU A 32 0.06 -9.98 -2.84
C LEU A 32 0.89 -11.26 -2.88
N LEU A 33 0.34 -12.31 -3.47
CA LEU A 33 1.05 -13.60 -3.54
C LEU A 33 1.95 -13.71 -4.77
N THR A 34 1.40 -13.34 -5.93
CA THR A 34 2.09 -13.47 -7.21
C THR A 34 1.30 -12.71 -8.27
N LYS A 35 1.96 -12.33 -9.36
CA LYS A 35 1.25 -11.79 -10.51
C LYS A 35 0.93 -12.88 -11.56
N SER A 36 1.30 -14.12 -11.25
CA SER A 36 1.01 -15.28 -12.12
C SER A 36 -0.49 -15.57 -12.18
N PRO A 37 -1.01 -15.85 -13.38
CA PRO A 37 -2.40 -16.26 -13.47
C PRO A 37 -2.66 -17.72 -13.03
N SER A 38 -1.61 -18.44 -12.63
CA SER A 38 -1.78 -19.84 -12.20
C SER A 38 -2.05 -19.93 -10.69
N LEU A 39 -3.22 -20.44 -10.32
CA LEU A 39 -3.59 -20.55 -8.91
C LEU A 39 -2.62 -21.44 -8.14
N ASN A 40 -2.11 -22.48 -8.80
CA ASN A 40 -1.13 -23.36 -8.14
C ASN A 40 0.16 -22.62 -7.79
N ALA A 41 0.57 -21.69 -8.65
CA ALA A 41 1.75 -20.87 -8.35
C ALA A 41 1.50 -19.99 -7.13
N ALA A 42 0.30 -19.41 -7.05
CA ALA A 42 -0.12 -18.64 -5.89
C ALA A 42 -0.13 -19.46 -4.60
N LYS A 43 -0.63 -20.69 -4.69
CA LYS A 43 -0.64 -21.58 -3.52
C LYS A 43 0.76 -21.92 -3.04
N SER A 44 1.69 -22.12 -3.98
CA SER A 44 3.10 -22.35 -3.62
C SER A 44 3.66 -21.12 -2.87
N GLU A 45 3.42 -19.93 -3.42
CA GLU A 45 3.88 -18.71 -2.74
C GLU A 45 3.29 -18.57 -1.34
N LEU A 46 2.02 -18.90 -1.17
CA LEU A 46 1.37 -18.85 0.14
C LEU A 46 2.07 -19.79 1.12
N ASP A 47 2.24 -21.05 0.71
CA ASP A 47 2.85 -22.06 1.57
C ASP A 47 4.26 -21.65 2.00
N LYS A 48 4.98 -21.04 1.07
CA LYS A 48 6.34 -20.54 1.30
C LYS A 48 6.34 -19.40 2.31
N ALA A 49 5.36 -18.50 2.19
CA ALA A 49 5.24 -17.34 3.08
C ALA A 49 4.84 -17.73 4.51
N ILE A 50 3.95 -18.72 4.63
CA ILE A 50 3.41 -19.13 5.94
C ILE A 50 4.25 -20.20 6.64
N GLY A 51 4.91 -21.03 5.86
CA GLY A 51 5.73 -22.13 6.40
C GLY A 51 4.99 -23.43 6.67
N ARG A 52 3.86 -23.62 5.99
CA ARG A 52 3.12 -24.87 6.08
C ARG A 52 2.27 -25.02 4.82
N ASN A 53 1.73 -26.22 4.60
CA ASN A 53 0.85 -26.44 3.47
C ASN A 53 -0.55 -25.94 3.83
N CYS A 54 -0.92 -24.79 3.26
CA CYS A 54 -2.14 -24.08 3.63
C CYS A 54 -3.36 -24.44 2.79
N ASN A 55 -3.13 -25.04 1.61
CA ASN A 55 -4.23 -25.31 0.71
CA ASN A 55 -4.12 -25.20 0.54
C ASN A 55 -5.12 -24.05 0.44
N GLY A 56 -4.51 -22.87 0.29
CA GLY A 56 -5.23 -21.65 -0.01
C GLY A 56 -5.99 -20.96 1.11
N VAL A 57 -5.80 -21.39 2.35
CA VAL A 57 -6.54 -20.84 3.50
C VAL A 57 -5.58 -20.58 4.65
N ILE A 58 -5.73 -19.42 5.28
CA ILE A 58 -4.94 -19.05 6.46
C ILE A 58 -5.80 -18.59 7.64
N THR A 59 -5.18 -18.43 8.81
CA THR A 59 -5.88 -17.92 9.99
C THR A 59 -5.73 -16.40 10.10
N LYS A 60 -6.54 -15.78 10.95
CA LYS A 60 -6.43 -14.36 11.22
C LYS A 60 -5.05 -13.99 11.77
N ASP A 61 -4.51 -14.79 12.70
CA ASP A 61 -3.17 -14.54 13.22
C ASP A 61 -2.12 -14.59 12.10
N GLU A 62 -2.26 -15.55 11.19
CA GLU A 62 -1.35 -15.66 10.07
C GLU A 62 -1.43 -14.44 9.13
N ALA A 63 -2.66 -14.02 8.85
CA ALA A 63 -2.90 -12.80 8.06
C ALA A 63 -2.24 -11.58 8.70
N GLU A 64 -2.38 -11.45 10.02
CA GLU A 64 -1.83 -10.30 10.71
C GLU A 64 -0.31 -10.34 10.76
N LYS A 65 0.26 -11.57 10.82
CA LYS A 65 1.70 -11.71 10.74
C LYS A 65 2.25 -11.27 9.38
N LEU A 66 1.61 -11.70 8.29
CA LEU A 66 2.00 -11.21 6.96
C LEU A 66 1.87 -9.69 6.87
N PHE A 67 0.80 -9.15 7.46
CA PHE A 67 0.54 -7.70 7.43
C PHE A 67 1.66 -6.93 8.13
N ASN A 68 2.06 -7.38 9.32
CA ASN A 68 3.17 -6.73 10.03
C ASN A 68 4.44 -6.72 9.18
N GLN A 69 4.74 -7.87 8.57
CA GLN A 69 5.89 -7.98 7.69
C GLN A 69 5.78 -7.04 6.50
N ASP A 70 4.59 -6.96 5.91
CA ASP A 70 4.40 -6.17 4.69
C ASP A 70 4.48 -4.68 4.95
N VAL A 71 3.97 -4.24 6.10
CA VAL A 71 4.07 -2.83 6.49
C VAL A 71 5.54 -2.49 6.74
N ASP A 72 6.20 -3.32 7.54
CA ASP A 72 7.62 -3.16 7.88
C ASP A 72 8.43 -3.04 6.58
N ALA A 73 8.16 -3.94 5.64
CA ALA A 73 8.85 -3.98 4.35
C ALA A 73 8.59 -2.74 3.48
N ALA A 74 7.38 -2.19 3.54
CA ALA A 74 7.05 -0.96 2.82
C ALA A 74 7.90 0.21 3.34
N VAL A 75 7.98 0.35 4.66
CA VAL A 75 8.76 1.43 5.27
C VAL A 75 10.25 1.29 4.94
N ARG A 76 10.78 0.10 5.21
CA ARG A 76 12.21 -0.17 5.04
C ARG A 76 12.63 0.08 3.60
N GLY A 77 11.73 -0.27 2.68
CA GLY A 77 11.90 0.02 1.26
C GLY A 77 12.04 1.52 0.99
N ILE A 78 11.03 2.28 1.39
CA ILE A 78 11.04 3.73 1.23
C ILE A 78 12.38 4.32 1.67
N LEU A 79 12.85 3.87 2.83
CA LEU A 79 14.09 4.38 3.40
C LEU A 79 15.34 4.01 2.57
N ARG A 80 15.26 2.93 1.77
CA ARG A 80 16.40 2.56 0.93
CA ARG A 80 16.36 2.49 0.89
C ARG A 80 16.37 3.22 -0.45
N ASN A 81 15.28 3.93 -0.75
CA ASN A 81 15.11 4.58 -2.03
C ASN A 81 15.58 6.03 -1.94
N ALA A 82 16.62 6.37 -2.71
CA ALA A 82 17.24 7.68 -2.59
C ALA A 82 16.32 8.83 -3.02
N LYS A 83 15.32 8.52 -3.83
CA LYS A 83 14.33 9.52 -4.24
C LYS A 83 13.19 9.65 -3.22
N LEU A 84 12.79 8.55 -2.61
CA LEU A 84 11.66 8.60 -1.67
C LEU A 84 12.06 9.05 -0.25
N LYS A 85 13.22 8.62 0.21
CA LYS A 85 13.64 8.86 1.59
C LYS A 85 13.61 10.34 2.03
N PRO A 86 14.24 11.25 1.23
CA PRO A 86 14.24 12.64 1.68
C PRO A 86 12.85 13.24 1.77
N VAL A 87 11.95 12.83 0.88
CA VAL A 87 10.58 13.35 0.92
C VAL A 87 9.85 12.77 2.15
N TYR A 88 9.95 11.46 2.33
CA TYR A 88 9.37 10.81 3.50
C TYR A 88 9.84 11.44 4.81
N ASP A 89 11.16 11.65 4.92
CA ASP A 89 11.73 12.26 6.13
C ASP A 89 11.28 13.71 6.35
N SER A 90 10.89 14.39 5.27
CA SER A 90 10.43 15.78 5.36
C SER A 90 9.00 15.88 5.90
N LEU A 91 8.26 14.77 5.84
CA LEU A 91 6.84 14.73 6.20
C LEU A 91 6.62 14.58 7.71
N ASP A 92 5.45 15.04 8.16
CA ASP A 92 4.94 14.75 9.50
C ASP A 92 4.44 13.30 9.56
N ALA A 93 4.16 12.81 10.77
CA ALA A 93 3.76 11.40 10.96
C ALA A 93 2.49 10.98 10.21
N VAL A 94 1.49 11.85 10.16
CA VAL A 94 0.23 11.47 9.47
C VAL A 94 0.48 11.32 7.97
N ARG A 95 1.14 12.31 7.36
CA ARG A 95 1.44 12.22 5.93
C ARG A 95 2.40 11.07 5.60
N ARG A 96 3.28 10.71 6.54
CA ARG A 96 4.12 9.52 6.35
C ARG A 96 3.28 8.26 6.18
N CYS A 97 2.14 8.21 6.86
CA CYS A 97 1.23 7.05 6.72
C CYS A 97 0.63 7.01 5.32
N ALA A 98 0.29 8.18 4.78
CA ALA A 98 -0.19 8.24 3.39
C ALA A 98 0.84 7.65 2.41
N ALA A 99 2.11 8.02 2.60
CA ALA A 99 3.20 7.49 1.78
C ALA A 99 3.35 5.97 1.90
N ILE A 100 3.31 5.46 3.13
CA ILE A 100 3.40 4.01 3.34
C ILE A 100 2.24 3.30 2.65
N ASN A 101 1.04 3.87 2.78
CA ASN A 101 -0.15 3.30 2.18
C ASN A 101 -0.01 3.17 0.67
N GLN A 102 0.40 4.27 0.03
CA GLN A 102 0.56 4.27 -1.42
C GLN A 102 1.64 3.28 -1.89
N VAL A 103 2.77 3.21 -1.18
CA VAL A 103 3.83 2.26 -1.54
C VAL A 103 3.39 0.80 -1.32
N PHE A 104 2.63 0.56 -0.25
CA PHE A 104 2.05 -0.76 0.04
C PHE A 104 1.18 -1.20 -1.15
N GLN A 105 0.36 -0.28 -1.66
CA GLN A 105 -0.51 -0.58 -2.79
C GLN A 105 0.22 -0.74 -4.13
N MET A 106 1.13 0.19 -4.42
CA MET A 106 1.70 0.34 -5.76
C MET A 106 3.06 -0.30 -5.94
N GLY A 107 3.80 -0.46 -4.83
CA GLY A 107 5.24 -0.77 -4.89
C GLY A 107 6.10 0.45 -5.18
N GLU A 108 7.40 0.33 -4.88
CA GLU A 108 8.37 1.41 -5.12
CA GLU A 108 8.39 1.39 -5.12
C GLU A 108 8.52 1.77 -6.59
N THR A 109 8.72 0.76 -7.44
CA THR A 109 8.82 0.96 -8.88
C THR A 109 7.49 1.51 -9.39
N GLY A 110 6.42 1.20 -8.65
CA GLY A 110 5.09 1.69 -8.96
C GLY A 110 4.95 3.20 -8.91
N VAL A 111 5.77 3.86 -8.09
CA VAL A 111 5.67 5.31 -7.92
C VAL A 111 6.75 6.11 -8.65
N ALA A 112 7.43 5.45 -9.59
CA ALA A 112 8.52 6.09 -10.36
C ALA A 112 8.10 7.31 -11.18
N GLY A 113 6.84 7.33 -11.63
CA GLY A 113 6.33 8.47 -12.41
C GLY A 113 5.87 9.66 -11.57
N PHE A 114 5.97 9.55 -10.24
CA PHE A 114 5.43 10.58 -9.34
C PHE A 114 6.43 11.70 -8.96
N THR A 115 7.46 11.87 -9.78
CA THR A 115 8.49 12.89 -9.58
C THR A 115 7.96 14.30 -9.25
N ASN A 116 6.96 14.75 -10.00
CA ASN A 116 6.42 16.09 -9.77
C ASN A 116 5.61 16.19 -8.47
N SER A 117 4.84 15.15 -8.14
CA SER A 117 4.13 15.10 -6.87
C SER A 117 5.10 15.08 -5.70
N LEU A 118 6.17 14.29 -5.84
CA LEU A 118 7.19 14.19 -4.77
C LEU A 118 7.79 15.56 -4.46
N ARG A 119 8.08 16.34 -5.50
CA ARG A 119 8.66 17.65 -5.34
C ARG A 119 7.70 18.57 -4.59
N MET A 120 6.43 18.55 -4.99
CA MET A 120 5.41 19.36 -4.34
C MET A 120 5.21 18.98 -2.87
N LEU A 121 5.24 17.68 -2.58
CA LEU A 121 5.18 17.22 -1.19
C LEU A 121 6.35 17.74 -0.36
N GLN A 122 7.58 17.63 -0.90
CA GLN A 122 8.75 18.15 -0.15
C GLN A 122 8.65 19.66 0.07
N GLN A 123 8.10 20.36 -0.91
CA GLN A 123 7.88 21.80 -0.83
C GLN A 123 6.70 22.17 0.09
N LYS A 124 5.92 21.16 0.52
CA LYS A 124 4.73 21.38 1.36
C LYS A 124 3.67 22.27 0.66
N ARG A 125 3.61 22.12 -0.66
CA ARG A 125 2.58 22.75 -1.48
C ARG A 125 1.41 21.76 -1.56
N TRP A 126 0.64 21.70 -0.48
CA TRP A 126 -0.28 20.57 -0.28
C TRP A 126 -1.43 20.46 -1.28
N ASP A 127 -2.07 21.58 -1.61
CA ASP A 127 -3.18 21.53 -2.55
C ASP A 127 -2.68 21.20 -3.96
N GLU A 128 -1.52 21.77 -4.33
CA GLU A 128 -0.90 21.47 -5.62
C GLU A 128 -0.51 20.00 -5.74
N ALA A 129 0.10 19.46 -4.67
CA ALA A 129 0.45 18.04 -4.65
C ALA A 129 -0.79 17.18 -4.83
N ALA A 130 -1.85 17.52 -4.12
CA ALA A 130 -3.10 16.74 -4.18
C ALA A 130 -3.68 16.72 -5.60
N VAL A 131 -3.62 17.87 -6.27
CA VAL A 131 -4.07 17.96 -7.67
C VAL A 131 -3.21 17.07 -8.57
N ASN A 132 -1.90 17.13 -8.38
CA ASN A 132 -0.97 16.35 -9.21
C ASN A 132 -1.10 14.85 -8.99
N LEU A 133 -1.27 14.45 -7.73
CA LEU A 133 -1.43 13.04 -7.38
C LEU A 133 -2.61 12.39 -8.10
N ALA A 134 -3.67 13.17 -8.37
CA ALA A 134 -4.91 12.62 -8.96
C ALA A 134 -4.83 12.45 -10.47
N LYS A 135 -3.77 13.00 -11.08
CA LYS A 135 -3.52 12.87 -12.51
CA LYS A 135 -3.57 12.85 -12.51
C LYS A 135 -2.75 11.58 -12.74
N SER A 136 -3.39 10.44 -12.47
CA SER A 136 -2.67 9.17 -12.43
C SER A 136 -3.57 7.98 -12.73
N ARG A 137 -2.96 6.92 -13.25
CA ARG A 137 -3.66 5.65 -13.38
C ARG A 137 -4.18 5.21 -12.02
N TRP A 138 -3.34 5.38 -11.00
CA TRP A 138 -3.70 5.05 -9.62
C TRP A 138 -5.07 5.61 -9.24
N TYR A 139 -5.24 6.92 -9.38
CA TYR A 139 -6.49 7.55 -9.03
C TYR A 139 -7.64 7.04 -9.90
N ASN A 140 -7.40 6.92 -11.20
CA ASN A 140 -8.48 6.50 -12.09
C ASN A 140 -8.95 5.06 -11.81
N GLN A 141 -8.03 4.17 -11.45
CA GLN A 141 -8.39 2.76 -11.24
C GLN A 141 -8.93 2.47 -9.84
N THR A 142 -8.44 3.21 -8.83
CA THR A 142 -8.95 3.08 -7.47
C THR A 142 -9.28 4.47 -6.88
N PRO A 143 -10.32 5.14 -7.42
CA PRO A 143 -10.57 6.53 -6.99
C PRO A 143 -11.01 6.70 -5.55
N ASN A 144 -11.84 5.81 -5.00
CA ASN A 144 -12.31 5.99 -3.63
C ASN A 144 -11.12 5.95 -2.65
N ARG A 145 -10.23 5.00 -2.85
CA ARG A 145 -9.08 4.85 -1.98
C ARG A 145 -8.07 5.96 -2.22
N ALA A 146 -7.81 6.27 -3.49
CA ALA A 146 -6.90 7.35 -3.82
C ALA A 146 -7.36 8.67 -3.21
N LYS A 147 -8.67 8.93 -3.26
CA LYS A 147 -9.23 10.15 -2.68
C LYS A 147 -8.91 10.23 -1.17
N ARG A 148 -9.02 9.10 -0.48
CA ARG A 148 -8.68 9.05 0.96
C ARG A 148 -7.20 9.36 1.19
N VAL A 149 -6.34 8.70 0.42
CA VAL A 149 -4.90 8.85 0.59
C VAL A 149 -4.49 10.29 0.26
N ILE A 150 -5.03 10.81 -0.83
CA ILE A 150 -4.74 12.19 -1.22
C ILE A 150 -5.22 13.21 -0.17
N THR A 151 -6.42 13.00 0.39
CA THR A 151 -6.90 13.89 1.45
C THR A 151 -5.96 13.88 2.65
N THR A 152 -5.40 12.71 2.96
CA THR A 152 -4.43 12.58 4.04
C THR A 152 -3.14 13.39 3.72
N PHE A 153 -2.64 13.28 2.49
CA PHE A 153 -1.51 14.12 2.05
C PHE A 153 -1.86 15.61 2.07
N ARG A 154 -3.10 15.95 1.70
CA ARG A 154 -3.47 17.37 1.57
C ARG A 154 -3.55 18.04 2.93
N THR A 155 -4.07 17.30 3.92
CA THR A 155 -4.45 17.88 5.21
C THR A 155 -3.56 17.54 6.39
N GLY A 156 -2.86 16.40 6.31
CA GLY A 156 -2.12 15.91 7.47
C GLY A 156 -3.05 15.52 8.62
N THR A 157 -4.30 15.19 8.29
CA THR A 157 -5.27 14.70 9.28
C THR A 157 -5.83 13.38 8.82
N TRP A 158 -6.58 12.75 9.73
CA TRP A 158 -7.23 11.48 9.47
C TRP A 158 -8.68 11.63 9.02
N ASP A 159 -9.04 12.81 8.55
CA ASP A 159 -10.44 13.13 8.24
C ASP A 159 -11.10 12.15 7.26
N ALA A 160 -10.32 11.62 6.32
CA ALA A 160 -10.85 10.70 5.31
C ALA A 160 -11.11 9.30 5.85
N TYR A 161 -10.63 9.02 7.05
CA TYR A 161 -10.77 7.69 7.66
C TYR A 161 -11.71 7.62 8.88
N LYS A 162 -12.25 8.76 9.30
CA LYS A 162 -13.32 8.74 10.34
C LYS A 162 -13.04 7.72 11.43
P PO4 B . -0.53 25.21 -2.06
O1 PO4 B . 0.78 25.63 -1.41
O2 PO4 B . -0.18 24.28 -3.22
O3 PO4 B . -1.38 24.43 -1.09
O4 PO4 B . -1.30 26.45 -2.52
P PO4 C . 5.95 -13.00 -8.59
O1 PO4 C . 7.29 -13.17 -9.27
O2 PO4 C . 5.40 -14.37 -8.31
O3 PO4 C . 6.15 -12.26 -7.28
O4 PO4 C . 4.98 -12.23 -9.45
CAF 269 D . 5.92 7.92 -1.27
CAF 269 D . 6.02 7.53 -1.07
CAD 269 D . 7.12 7.94 -0.56
CAD 269 D . 7.17 7.39 -0.31
CAC 269 D . 7.62 9.14 -0.06
CAC 269 D . 7.79 8.53 0.21
CAE 269 D . 6.91 10.33 -0.26
CAE 269 D . 7.25 9.80 -0.03
CAG 269 D . 5.72 10.31 -0.97
CAG 269 D . 6.10 9.93 -0.79
CAJ 269 D . 5.22 9.11 -1.48
CAJ 269 D . 5.47 8.79 -1.31
CAK 269 D . 3.89 9.12 -2.26
CAK 269 D . 4.20 8.95 -2.14
OAA 269 D . 2.94 8.30 -1.58
OAA 269 D . 3.19 8.04 -1.68
CAI 269 D . 4.08 8.62 -3.70
CAI 269 D . 4.52 8.67 -3.62
CAH 269 D . 5.09 9.44 -4.50
CAH 269 D . 3.63 9.55 -4.51
CLAB 269 D . 4.61 11.15 -4.61
CLAB 269 D . 4.20 11.23 -4.52
#